data_7T9V
#
_entry.id   7T9V
#
_cell.length_a   91.307
_cell.length_b   80.884
_cell.length_c   73.130
_cell.angle_alpha   90.000
_cell.angle_beta   89.990
_cell.angle_gamma   90.000
#
_symmetry.space_group_name_H-M   'C 1 2 1'
#
loop_
_entity.id
_entity.type
_entity.pdbx_description
1 polymer 'Stimulator of interferon genes protein'
2 non-polymer 'CALCIUM ION'
3 non-polymer (3S,4S)-4-(3-{5-carbamoyl-2-[(1-ethyl-3-methyl-1H-pyrazole-5-carbonyl)amino]-7-methoxy-1H-benzimidazol-1-yl}propyl)-2-[(1-ethyl-3-methyl-1H-pyrazole-5-carbonyl)amino]-4,5-dihydroimidazo[1,5,4-de][1,4]benzoxazine-8-carboxamide
4 water water
#
_entity_poly.entity_id   1
_entity_poly.type   'polypeptide(L)'
_entity_poly.pdbx_seq_one_letter_code
;MEKGNFNVAHGLAWSYYIGYLRLILPELQARIRTYNQHYNNLLRGAVSQRLYILLPLDCGVPDNLSMADPNIRFLDKLPQ
QTGDHAGIKDRVYSNSIYELLENGQRAGTCVLEYATPLQTLFAMSQYSQAGFSREDRLEQAKLFCRTLEDILADAPESQN
NCRLIAYQEPADDSSFSLSQEVLRHLRQEEKEEVTVGS
;
_entity_poly.pdbx_strand_id   A,B
#
loop_
_chem_comp.id
_chem_comp.type
_chem_comp.name
_chem_comp.formula
CA non-polymer 'CALCIUM ION' 'Ca 2'
GC0 non-polymer (3S,4S)-4-(3-{5-carbamoyl-2-[(1-ethyl-3-methyl-1H-pyrazole-5-carbonyl)amino]-7-methoxy-1H-benzimidazol-1-yl}propyl)-2-[(1-ethyl-3-methyl-1H-pyrazole-5-carbonyl)amino]-4,5-dihydroimidazo[1,5,4-de][1,4]benzoxazine-8-carboxamide 'C36 H40 N12 O6'
#
# COMPACT_ATOMS: atom_id res chain seq x y z
N PHE A 6 -15.16 5.35 -13.00
CA PHE A 6 -14.61 5.22 -11.66
C PHE A 6 -14.28 3.75 -11.37
N ASN A 7 -13.00 3.41 -11.51
CA ASN A 7 -12.52 2.04 -11.39
C ASN A 7 -11.35 2.04 -10.43
N VAL A 8 -11.55 1.53 -9.21
CA VAL A 8 -10.47 1.52 -8.24
C VAL A 8 -9.39 0.52 -8.63
N ALA A 9 -9.73 -0.45 -9.46
CA ALA A 9 -8.79 -1.52 -9.79
C ALA A 9 -7.58 -1.00 -10.58
N HIS A 10 -7.79 0.00 -11.46
N HIS A 10 -7.79 0.00 -11.46
CA HIS A 10 -6.66 0.59 -12.17
CA HIS A 10 -6.70 0.62 -12.18
C HIS A 10 -5.57 1.02 -11.20
C HIS A 10 -5.58 1.05 -11.22
N GLY A 11 -5.93 1.89 -10.26
CA GLY A 11 -4.95 2.38 -9.31
C GLY A 11 -4.43 1.30 -8.39
N LEU A 12 -5.31 0.41 -7.93
CA LEU A 12 -4.87 -0.67 -7.07
C LEU A 12 -3.78 -1.49 -7.75
N ALA A 13 -3.99 -1.84 -9.02
CA ALA A 13 -3.01 -2.61 -9.76
C ALA A 13 -1.70 -1.83 -9.95
N TRP A 14 -1.82 -0.56 -10.35
CA TRP A 14 -0.59 0.21 -10.56
C TRP A 14 0.20 0.37 -9.28
N SER A 15 -0.49 0.58 -8.15
CA SER A 15 0.21 0.75 -6.89
C SER A 15 0.85 -0.56 -6.44
N TYR A 16 0.13 -1.68 -6.61
CA TYR A 16 0.69 -2.98 -6.25
C TYR A 16 1.93 -3.29 -7.06
N TYR A 17 1.98 -2.86 -8.33
CA TYR A 17 3.19 -3.09 -9.12
C TYR A 17 4.30 -2.12 -8.72
N ILE A 18 4.03 -0.82 -8.79
CA ILE A 18 5.07 0.19 -8.65
C ILE A 18 5.65 0.18 -7.25
N GLY A 19 4.82 -0.06 -6.24
CA GLY A 19 5.27 0.05 -4.87
C GLY A 19 5.64 -1.25 -4.21
N TYR A 20 5.23 -2.38 -4.78
CA TYR A 20 5.66 -3.65 -4.21
C TYR A 20 6.35 -4.62 -5.16
N LEU A 21 5.71 -4.99 -6.27
CA LEU A 21 6.25 -6.07 -7.09
C LEU A 21 7.54 -5.65 -7.79
N ARG A 22 7.52 -4.48 -8.43
N ARG A 22 7.52 -4.46 -8.42
CA ARG A 22 8.72 -3.98 -9.11
CA ARG A 22 8.70 -3.94 -9.09
C ARG A 22 9.91 -3.92 -8.16
C ARG A 22 9.90 -3.92 -8.17
N LEU A 23 9.68 -3.81 -6.86
CA LEU A 23 10.75 -3.71 -5.88
C LEU A 23 11.21 -5.08 -5.38
N ILE A 24 10.30 -6.03 -5.22
CA ILE A 24 10.67 -7.32 -4.61
C ILE A 24 11.11 -8.33 -5.66
N LEU A 25 10.50 -8.31 -6.85
CA LEU A 25 10.77 -9.38 -7.82
C LEU A 25 12.24 -9.50 -8.20
N PRO A 26 12.99 -8.41 -8.39
CA PRO A 26 14.41 -8.57 -8.79
C PRO A 26 15.23 -9.40 -7.82
N GLU A 27 15.06 -9.21 -6.51
CA GLU A 27 15.81 -10.00 -5.54
C GLU A 27 15.40 -11.47 -5.53
N LEU A 28 14.23 -11.79 -6.07
CA LEU A 28 13.60 -13.07 -5.74
C LEU A 28 14.30 -14.25 -6.39
N GLN A 29 14.65 -14.15 -7.67
CA GLN A 29 15.28 -15.30 -8.32
C GLN A 29 16.61 -15.63 -7.65
N ALA A 30 17.32 -14.61 -7.15
CA ALA A 30 18.55 -14.85 -6.39
C ALA A 30 18.26 -15.53 -5.06
N ARG A 31 17.35 -14.95 -4.28
CA ARG A 31 16.98 -15.55 -3.00
C ARG A 31 16.58 -17.01 -3.18
N ILE A 32 15.83 -17.32 -4.24
CA ILE A 32 15.33 -18.67 -4.44
C ILE A 32 16.44 -19.61 -4.87
N ARG A 33 17.30 -19.19 -5.81
CA ARG A 33 18.43 -20.04 -6.19
C ARG A 33 19.27 -20.41 -4.96
N THR A 34 19.61 -19.40 -4.16
CA THR A 34 20.37 -19.64 -2.95
C THR A 34 19.69 -20.69 -2.08
N TYR A 35 18.43 -20.45 -1.71
CA TYR A 35 17.72 -21.42 -0.88
C TYR A 35 17.71 -22.80 -1.50
N ASN A 36 17.56 -22.87 -2.83
CA ASN A 36 17.44 -24.17 -3.49
C ASN A 36 18.71 -24.98 -3.36
N GLN A 37 19.86 -24.33 -3.29
CA GLN A 37 21.07 -25.07 -2.94
C GLN A 37 20.82 -25.98 -1.73
N HIS A 38 20.44 -25.35 -0.60
CA HIS A 38 20.13 -26.11 0.60
C HIS A 38 19.02 -27.12 0.36
N TYR A 39 17.81 -26.63 0.01
CA TYR A 39 16.65 -27.50 -0.15
C TYR A 39 17.00 -28.75 -0.96
N ASN A 40 17.78 -28.61 -2.03
CA ASN A 40 18.20 -29.75 -2.82
C ASN A 40 19.08 -30.67 -2.01
N ASN A 41 20.18 -30.15 -1.46
CA ASN A 41 21.08 -31.02 -0.72
C ASN A 41 20.38 -31.72 0.44
N LEU A 42 19.30 -31.14 0.96
CA LEU A 42 18.65 -31.72 2.14
C LEU A 42 17.51 -32.65 1.77
N LEU A 43 16.43 -32.12 1.18
CA LEU A 43 15.25 -32.94 0.88
C LEU A 43 15.17 -33.30 -0.60
N ARG A 44 16.25 -33.14 -1.35
CA ARG A 44 16.26 -33.42 -2.78
C ARG A 44 15.08 -32.74 -3.48
N GLY A 45 14.63 -31.61 -2.94
CA GLY A 45 13.56 -30.85 -3.53
C GLY A 45 14.06 -29.61 -4.26
N ALA A 46 13.12 -28.87 -4.81
CA ALA A 46 13.44 -27.64 -5.54
C ALA A 46 12.23 -26.71 -5.52
N VAL A 47 12.47 -25.44 -5.21
CA VAL A 47 11.41 -24.43 -5.17
C VAL A 47 11.36 -23.73 -6.51
N SER A 48 10.16 -23.59 -7.07
CA SER A 48 9.99 -22.83 -8.30
C SER A 48 10.58 -21.43 -8.14
N GLN A 49 11.01 -20.86 -9.27
CA GLN A 49 11.71 -19.58 -9.25
C GLN A 49 10.81 -18.39 -9.46
N ARG A 50 9.51 -18.60 -9.60
CA ARG A 50 8.56 -17.51 -9.84
C ARG A 50 7.69 -17.28 -8.62
N LEU A 51 7.38 -16.01 -8.35
CA LEU A 51 6.44 -15.69 -7.29
C LEU A 51 5.03 -16.04 -7.75
N TYR A 52 4.33 -16.84 -6.95
CA TYR A 52 2.95 -17.21 -7.25
C TYR A 52 2.02 -16.33 -6.43
N ILE A 53 1.19 -15.57 -7.14
CA ILE A 53 0.30 -14.57 -6.55
C ILE A 53 -1.12 -15.08 -6.68
N LEU A 54 -1.78 -15.29 -5.55
CA LEU A 54 -3.14 -15.79 -5.52
C LEU A 54 -4.11 -14.62 -5.68
N LEU A 55 -5.06 -14.78 -6.59
CA LEU A 55 -6.07 -13.76 -6.88
C LEU A 55 -7.45 -14.39 -6.80
N PRO A 56 -7.91 -14.72 -5.59
CA PRO A 56 -9.29 -15.21 -5.44
C PRO A 56 -10.27 -14.11 -5.82
N LEU A 57 -11.13 -14.39 -6.79
CA LEU A 57 -12.06 -13.38 -7.27
C LEU A 57 -13.13 -13.03 -6.23
N ASP A 58 -13.26 -13.79 -5.16
CA ASP A 58 -14.18 -13.45 -4.08
C ASP A 58 -13.54 -12.50 -3.07
N CYS A 59 -12.27 -12.14 -3.28
CA CYS A 59 -11.54 -11.19 -2.43
C CYS A 59 -11.40 -11.68 -1.00
N GLY A 60 -11.47 -12.99 -0.79
CA GLY A 60 -11.27 -13.55 0.53
C GLY A 60 -9.82 -13.91 0.78
N VAL A 61 -9.15 -13.10 1.61
CA VAL A 61 -7.74 -13.29 1.90
C VAL A 61 -7.63 -13.70 3.37
N PRO A 62 -7.30 -14.95 3.67
CA PRO A 62 -7.12 -15.36 5.06
C PRO A 62 -5.77 -14.93 5.61
N ASP A 63 -5.63 -15.05 6.93
CA ASP A 63 -4.40 -14.68 7.60
C ASP A 63 -3.33 -15.76 7.49
N ASN A 64 -3.71 -16.99 7.16
CA ASN A 64 -2.73 -18.04 6.90
C ASN A 64 -3.28 -18.94 5.80
N LEU A 65 -2.40 -19.29 4.86
CA LEU A 65 -2.83 -20.03 3.68
C LEU A 65 -3.50 -21.34 4.04
N SER A 66 -3.00 -22.04 5.06
CA SER A 66 -3.49 -23.38 5.37
C SER A 66 -4.99 -23.37 5.66
N MET A 67 -5.51 -22.27 6.21
CA MET A 67 -6.93 -22.20 6.50
C MET A 67 -7.77 -22.26 5.23
N ALA A 68 -7.23 -21.76 4.12
CA ALA A 68 -7.92 -21.88 2.84
C ALA A 68 -7.77 -23.27 2.22
N ASP A 69 -6.70 -23.99 2.57
CA ASP A 69 -6.53 -25.37 2.15
C ASP A 69 -5.47 -26.05 3.02
N PRO A 70 -5.79 -27.16 3.69
CA PRO A 70 -4.78 -27.81 4.53
C PRO A 70 -3.66 -28.47 3.75
N ASN A 71 -3.88 -28.77 2.47
CA ASN A 71 -2.85 -29.31 1.60
C ASN A 71 -1.86 -28.25 1.13
N ILE A 72 -1.98 -27.04 1.64
CA ILE A 72 -0.99 -25.99 1.45
C ILE A 72 -0.35 -25.75 2.81
N ARG A 73 0.89 -26.17 2.96
CA ARG A 73 1.53 -26.24 4.25
C ARG A 73 2.75 -25.32 4.24
N PHE A 74 2.81 -24.42 5.22
CA PHE A 74 4.00 -23.60 5.34
C PHE A 74 5.23 -24.48 5.50
N LEU A 75 6.29 -24.15 4.79
CA LEU A 75 7.53 -24.91 4.80
C LEU A 75 8.68 -24.13 5.42
N ASP A 76 8.89 -22.90 4.98
CA ASP A 76 10.05 -22.13 5.41
C ASP A 76 9.82 -20.68 5.04
N LYS A 77 10.50 -19.79 5.75
CA LYS A 77 10.62 -18.40 5.29
C LYS A 77 11.76 -18.33 4.28
N LEU A 78 11.57 -17.53 3.26
CA LEU A 78 12.61 -17.27 2.28
C LEU A 78 13.61 -16.26 2.84
N PRO A 79 14.91 -16.56 2.82
CA PRO A 79 15.89 -15.58 3.30
C PRO A 79 16.04 -14.39 2.36
N GLN A 80 16.59 -13.32 2.91
CA GLN A 80 16.90 -12.12 2.14
C GLN A 80 18.31 -12.21 1.55
N GLN A 81 18.53 -11.46 0.48
CA GLN A 81 19.81 -11.44 -0.21
C GLN A 81 20.91 -10.91 0.69
N VAL A 92 13.21 -4.72 4.11
CA VAL A 92 13.21 -6.16 4.38
C VAL A 92 11.83 -6.73 4.06
N TYR A 93 11.82 -7.79 3.25
CA TYR A 93 10.57 -8.38 2.75
C TYR A 93 10.44 -9.80 3.27
N SER A 94 9.25 -10.14 3.76
CA SER A 94 8.97 -11.46 4.32
C SER A 94 8.19 -12.28 3.30
N ASN A 95 8.73 -13.44 2.94
CA ASN A 95 8.09 -14.33 1.98
C ASN A 95 8.16 -15.76 2.48
N SER A 96 7.09 -16.50 2.22
CA SER A 96 6.91 -17.84 2.77
C SER A 96 6.91 -18.88 1.66
N ILE A 97 7.75 -19.90 1.81
CA ILE A 97 7.68 -21.06 0.94
C ILE A 97 6.62 -22.01 1.47
N TYR A 98 5.82 -22.55 0.59
CA TYR A 98 4.82 -23.54 0.97
C TYR A 98 5.04 -24.80 0.16
N GLU A 99 4.78 -25.94 0.79
CA GLU A 99 4.70 -27.21 0.09
C GLU A 99 3.23 -27.54 -0.16
N LEU A 100 2.96 -27.99 -1.37
CA LEU A 100 1.66 -28.43 -1.81
C LEU A 100 1.61 -29.95 -1.75
N LEU A 101 0.62 -30.47 -1.03
CA LEU A 101 0.50 -31.89 -0.72
C LEU A 101 -0.56 -32.56 -1.57
N GLU A 102 -0.31 -33.83 -1.89
CA GLU A 102 -1.30 -34.72 -2.48
C GLU A 102 -1.26 -36.02 -1.69
N ASN A 103 -2.37 -36.38 -1.07
CA ASN A 103 -2.44 -37.59 -0.25
C ASN A 103 -1.30 -37.62 0.76
N GLY A 104 -1.10 -36.48 1.44
CA GLY A 104 -0.04 -36.37 2.42
C GLY A 104 1.36 -36.37 1.86
N GLN A 105 1.52 -36.54 0.55
CA GLN A 105 2.84 -36.60 -0.08
C GLN A 105 3.15 -35.25 -0.72
N ARG A 106 4.36 -34.74 -0.47
CA ARG A 106 4.75 -33.47 -1.07
C ARG A 106 4.75 -33.59 -2.59
N ALA A 107 3.94 -32.74 -3.24
CA ALA A 107 3.88 -32.69 -4.69
C ALA A 107 4.52 -31.44 -5.27
N GLY A 108 4.66 -30.38 -4.49
CA GLY A 108 5.39 -29.23 -5.01
C GLY A 108 5.78 -28.26 -3.92
N THR A 109 6.57 -27.26 -4.30
CA THR A 109 6.91 -26.19 -3.37
C THR A 109 7.04 -24.89 -4.14
N CYS A 110 6.69 -23.79 -3.49
CA CYS A 110 6.80 -22.49 -4.16
C CYS A 110 6.61 -21.37 -3.16
N VAL A 111 7.08 -20.18 -3.56
CA VAL A 111 6.80 -18.96 -2.81
C VAL A 111 5.40 -18.50 -3.21
N LEU A 112 4.53 -18.34 -2.22
CA LEU A 112 3.10 -18.17 -2.43
C LEU A 112 2.63 -17.00 -1.60
N GLU A 113 1.82 -16.13 -2.20
CA GLU A 113 1.16 -15.14 -1.35
C GLU A 113 -0.04 -14.54 -2.07
N TYR A 114 -0.97 -14.04 -1.27
CA TYR A 114 -2.17 -13.39 -1.79
C TYR A 114 -1.86 -11.97 -2.23
N ALA A 115 -2.63 -11.50 -3.22
CA ALA A 115 -2.57 -10.10 -3.66
C ALA A 115 -3.33 -9.26 -2.64
N THR A 116 -2.58 -8.57 -1.78
CA THR A 116 -3.21 -7.80 -0.72
C THR A 116 -4.24 -6.79 -1.18
N PRO A 117 -4.12 -6.17 -2.36
CA PRO A 117 -5.13 -5.17 -2.74
C PRO A 117 -6.55 -5.70 -2.71
N LEU A 118 -6.75 -7.00 -2.93
CA LEU A 118 -8.10 -7.54 -2.92
C LEU A 118 -8.76 -7.35 -1.56
N GLN A 119 -8.00 -7.43 -0.47
CA GLN A 119 -8.55 -7.10 0.84
C GLN A 119 -9.23 -5.75 0.80
N THR A 120 -8.55 -4.74 0.23
CA THR A 120 -9.15 -3.43 0.09
C THR A 120 -10.52 -3.52 -0.58
N LEU A 121 -10.58 -4.22 -1.72
CA LEU A 121 -11.86 -4.40 -2.38
C LEU A 121 -12.87 -4.99 -1.40
N PHE A 122 -12.50 -6.08 -0.72
CA PHE A 122 -13.40 -6.68 0.24
C PHE A 122 -13.88 -5.63 1.23
N ALA A 123 -12.94 -4.87 1.82
CA ALA A 123 -13.33 -3.91 2.84
C ALA A 123 -14.27 -2.87 2.26
N MET A 124 -14.03 -2.44 1.02
CA MET A 124 -14.93 -1.46 0.41
C MET A 124 -16.35 -2.00 0.33
N SER A 125 -16.49 -3.29 0.01
CA SER A 125 -17.81 -3.88 -0.10
C SER A 125 -18.52 -3.93 1.25
N GLN A 126 -17.77 -3.89 2.35
CA GLN A 126 -18.35 -3.86 3.69
C GLN A 126 -18.43 -2.46 4.27
N TYR A 127 -18.09 -1.45 3.48
CA TYR A 127 -18.09 -0.04 3.90
C TYR A 127 -19.20 0.65 3.14
N SER A 128 -20.32 0.89 3.83
CA SER A 128 -21.56 1.28 3.16
C SER A 128 -21.48 2.65 2.53
N GLN A 129 -20.71 3.57 3.11
CA GLN A 129 -20.54 4.88 2.51
C GLN A 129 -19.92 4.79 1.12
N ALA A 130 -19.33 3.65 0.78
CA ALA A 130 -18.68 3.49 -0.51
C ALA A 130 -19.64 3.15 -1.64
N GLY A 131 -20.86 2.71 -1.31
CA GLY A 131 -21.80 2.31 -2.36
C GLY A 131 -21.23 1.29 -3.30
N PHE A 132 -20.48 0.33 -2.76
CA PHE A 132 -19.65 -0.60 -3.53
C PHE A 132 -20.18 -2.00 -3.24
N SER A 133 -20.91 -2.57 -4.20
CA SER A 133 -21.63 -3.82 -3.98
C SER A 133 -20.69 -5.01 -4.14
N ARG A 134 -21.24 -6.20 -3.89
CA ARG A 134 -20.52 -7.44 -4.20
C ARG A 134 -20.34 -7.58 -5.70
N GLU A 135 -21.37 -7.25 -6.48
CA GLU A 135 -21.22 -7.17 -7.93
C GLU A 135 -20.06 -6.27 -8.31
N ASP A 136 -20.08 -5.03 -7.79
CA ASP A 136 -18.98 -4.11 -8.03
C ASP A 136 -17.65 -4.75 -7.64
N ARG A 137 -17.62 -5.44 -6.51
CA ARG A 137 -16.39 -5.98 -5.97
C ARG A 137 -15.80 -7.03 -6.90
N LEU A 138 -16.64 -7.97 -7.36
CA LEU A 138 -16.18 -8.98 -8.32
C LEU A 138 -15.70 -8.32 -9.61
N GLU A 139 -16.49 -7.40 -10.13
CA GLU A 139 -16.12 -6.70 -11.36
C GLU A 139 -14.74 -6.06 -11.23
N GLN A 140 -14.50 -5.40 -10.10
CA GLN A 140 -13.21 -4.74 -9.90
C GLN A 140 -12.10 -5.76 -9.66
N ALA A 141 -12.41 -6.92 -9.07
CA ALA A 141 -11.40 -7.95 -8.91
C ALA A 141 -10.94 -8.48 -10.28
N LYS A 142 -11.89 -8.74 -11.17
CA LYS A 142 -11.52 -9.18 -12.51
C LYS A 142 -10.72 -8.10 -13.23
N LEU A 143 -11.16 -6.84 -13.13
CA LEU A 143 -10.41 -5.76 -13.76
C LEU A 143 -9.02 -5.65 -13.16
N PHE A 144 -8.88 -5.84 -11.85
CA PHE A 144 -7.57 -5.85 -11.22
C PHE A 144 -6.67 -6.91 -11.84
N CYS A 145 -7.20 -8.14 -11.95
N CYS A 145 -7.19 -8.13 -11.96
CA CYS A 145 -6.42 -9.21 -12.55
CA CYS A 145 -6.43 -9.22 -12.56
C CYS A 145 -5.99 -8.84 -13.97
C CYS A 145 -6.00 -8.85 -13.97
N ARG A 146 -6.93 -8.35 -14.78
CA ARG A 146 -6.61 -7.99 -16.16
C ARG A 146 -5.55 -6.90 -16.22
N THR A 147 -5.75 -5.82 -15.46
CA THR A 147 -4.83 -4.70 -15.48
C THR A 147 -3.44 -5.13 -15.05
N LEU A 148 -3.35 -5.98 -14.04
CA LEU A 148 -2.05 -6.44 -13.56
C LEU A 148 -1.38 -7.34 -14.59
N GLU A 149 -2.16 -8.20 -15.26
CA GLU A 149 -1.60 -8.97 -16.37
C GLU A 149 -1.01 -8.04 -17.42
N ASP A 150 -1.78 -7.04 -17.85
CA ASP A 150 -1.30 -6.10 -18.85
C ASP A 150 -0.01 -5.42 -18.39
N ILE A 151 0.02 -4.96 -17.14
CA ILE A 151 1.22 -4.28 -16.64
C ILE A 151 2.42 -5.21 -16.72
N LEU A 152 2.30 -6.41 -16.16
CA LEU A 152 3.42 -7.34 -16.15
C LEU A 152 3.83 -7.75 -17.56
N ALA A 153 2.92 -7.67 -18.52
CA ALA A 153 3.27 -8.03 -19.89
C ALA A 153 4.29 -7.07 -20.47
N ASP A 154 4.11 -5.77 -20.26
CA ASP A 154 5.04 -4.76 -20.73
C ASP A 154 6.26 -4.60 -19.81
N ALA A 155 6.38 -5.44 -18.74
CA ALA A 155 7.39 -5.15 -17.72
C ALA A 155 8.63 -6.02 -17.91
N PRO A 156 9.81 -5.47 -17.55
CA PRO A 156 11.09 -6.13 -17.86
C PRO A 156 11.46 -7.21 -16.87
N GLU A 157 11.31 -8.47 -17.28
CA GLU A 157 11.75 -9.62 -16.50
C GLU A 157 10.87 -9.81 -15.26
N SER A 158 10.04 -8.83 -14.96
CA SER A 158 9.06 -8.97 -13.89
C SER A 158 8.02 -10.03 -14.26
N GLN A 159 7.53 -9.98 -15.49
CA GLN A 159 6.61 -11.00 -15.97
C GLN A 159 7.20 -12.39 -15.80
N ASN A 160 8.48 -12.55 -16.12
CA ASN A 160 9.13 -13.85 -16.03
C ASN A 160 9.36 -14.29 -14.58
N ASN A 161 9.25 -13.37 -13.63
CA ASN A 161 9.57 -13.66 -12.23
C ASN A 161 8.35 -13.99 -11.40
N CYS A 162 7.14 -13.93 -11.96
CA CYS A 162 5.95 -14.27 -11.19
C CYS A 162 4.87 -14.81 -12.12
N ARG A 163 3.84 -15.41 -11.49
CA ARG A 163 2.72 -15.99 -12.21
C ARG A 163 1.43 -15.71 -11.44
N LEU A 164 0.40 -15.25 -12.14
CA LEU A 164 -0.85 -14.86 -11.51
C LEU A 164 -1.84 -16.03 -11.53
N ILE A 165 -2.30 -16.42 -10.35
CA ILE A 165 -3.25 -17.53 -10.21
C ILE A 165 -4.61 -16.98 -9.82
N ALA A 166 -5.45 -16.71 -10.82
CA ALA A 166 -6.78 -16.13 -10.60
C ALA A 166 -7.83 -17.24 -10.68
N TYR A 167 -8.75 -17.24 -9.72
CA TYR A 167 -9.73 -18.32 -9.65
C TYR A 167 -11.00 -17.86 -8.96
N GLN A 168 -12.13 -18.37 -9.45
CA GLN A 168 -13.44 -18.16 -8.86
C GLN A 168 -13.84 -19.45 -8.15
N GLU A 169 -14.11 -19.38 -6.86
CA GLU A 169 -14.52 -20.58 -6.14
C GLU A 169 -16.00 -20.84 -6.34
N PRO A 170 -16.43 -22.10 -6.31
CA PRO A 170 -17.83 -22.40 -6.63
C PRO A 170 -18.77 -21.78 -5.61
N ALA A 171 -20.01 -21.56 -6.05
CA ALA A 171 -21.02 -20.98 -5.16
C ALA A 171 -21.04 -21.69 -3.82
N ASP A 172 -21.08 -23.03 -3.84
CA ASP A 172 -20.86 -23.82 -2.64
C ASP A 172 -20.83 -25.30 -3.00
N ASP A 173 -20.35 -26.09 -2.04
CA ASP A 173 -20.33 -27.55 -2.13
C ASP A 173 -19.93 -28.05 -3.51
N SER A 174 -18.72 -27.71 -3.90
CA SER A 174 -18.12 -28.26 -5.10
C SER A 174 -16.64 -28.48 -4.87
N SER A 175 -16.10 -29.50 -5.55
CA SER A 175 -14.74 -29.98 -5.29
C SER A 175 -13.74 -28.98 -5.88
N PHE A 176 -13.45 -27.94 -5.12
CA PHE A 176 -12.42 -26.98 -5.47
C PHE A 176 -11.27 -27.08 -4.47
N SER A 177 -10.06 -27.32 -4.98
CA SER A 177 -8.86 -27.38 -4.16
C SER A 177 -7.90 -26.30 -4.63
N LEU A 178 -7.57 -25.36 -3.73
CA LEU A 178 -6.58 -24.35 -4.07
C LEU A 178 -5.23 -24.99 -4.35
N SER A 179 -4.87 -26.01 -3.56
CA SER A 179 -3.60 -26.70 -3.78
C SER A 179 -3.54 -27.33 -5.16
N GLN A 180 -4.66 -27.85 -5.64
CA GLN A 180 -4.69 -28.46 -6.97
C GLN A 180 -4.54 -27.42 -8.07
N GLU A 181 -5.17 -26.26 -7.90
CA GLU A 181 -4.99 -25.16 -8.84
C GLU A 181 -3.51 -24.77 -8.93
N VAL A 182 -2.88 -24.54 -7.77
CA VAL A 182 -1.49 -24.15 -7.76
C VAL A 182 -0.61 -25.23 -8.39
N LEU A 183 -0.90 -26.50 -8.09
CA LEU A 183 -0.10 -27.58 -8.66
C LEU A 183 -0.27 -27.66 -10.16
N ARG A 184 -1.48 -27.42 -10.65
CA ARG A 184 -1.68 -27.34 -12.10
C ARG A 184 -0.73 -26.30 -12.69
N HIS A 185 -0.65 -25.13 -12.06
CA HIS A 185 0.24 -24.09 -12.57
C HIS A 185 1.71 -24.50 -12.49
N LEU A 186 2.13 -25.08 -11.37
CA LEU A 186 3.53 -25.49 -11.22
C LEU A 186 3.92 -26.53 -12.25
N ARG A 187 3.03 -27.50 -12.49
CA ARG A 187 3.32 -28.54 -13.46
C ARG A 187 3.36 -27.98 -14.87
N GLN A 188 2.47 -27.05 -15.19
CA GLN A 188 2.54 -26.38 -16.48
C GLN A 188 3.85 -25.62 -16.61
N GLU A 189 4.28 -24.94 -15.55
CA GLU A 189 5.53 -24.19 -15.60
C GLU A 189 6.71 -25.11 -15.87
N GLU A 190 6.74 -26.29 -15.23
CA GLU A 190 7.84 -27.22 -15.48
C GLU A 190 7.80 -27.77 -16.90
N LYS A 191 6.60 -28.08 -17.40
CA LYS A 191 6.47 -28.53 -18.78
C LYS A 191 7.03 -27.49 -19.74
N GLU A 192 6.66 -26.21 -19.54
CA GLU A 192 7.20 -25.15 -20.36
C GLU A 192 8.72 -25.11 -20.27
N GLU A 193 9.26 -25.20 -19.05
CA GLU A 193 10.70 -25.07 -18.86
C GLU A 193 11.46 -26.17 -19.59
N VAL A 194 10.94 -27.40 -19.57
CA VAL A 194 11.70 -28.48 -20.20
C VAL A 194 11.46 -28.56 -21.72
N THR A 195 10.28 -28.16 -22.20
CA THR A 195 10.04 -28.32 -23.64
C THR A 195 10.64 -27.19 -24.45
N VAL A 196 10.70 -25.98 -23.90
CA VAL A 196 11.30 -24.86 -24.61
C VAL A 196 12.41 -24.23 -23.76
N PHE B 6 -9.59 5.78 -17.33
CA PHE B 6 -8.47 5.18 -16.62
C PHE B 6 -7.81 6.22 -15.72
N ASN B 7 -8.12 6.15 -14.43
CA ASN B 7 -7.69 7.13 -13.44
C ASN B 7 -7.14 6.38 -12.23
N VAL B 8 -5.81 6.35 -12.08
CA VAL B 8 -5.22 5.61 -10.97
C VAL B 8 -5.50 6.27 -9.64
N ALA B 9 -5.86 7.55 -9.65
CA ALA B 9 -6.06 8.28 -8.39
C ALA B 9 -7.26 7.75 -7.61
N HIS B 10 -8.31 7.29 -8.29
CA HIS B 10 -9.45 6.71 -7.57
C HIS B 10 -8.97 5.60 -6.65
N GLY B 11 -8.31 4.59 -7.23
CA GLY B 11 -7.87 3.46 -6.44
C GLY B 11 -6.80 3.84 -5.42
N LEU B 12 -5.87 4.70 -5.81
CA LEU B 12 -4.85 5.13 -4.86
C LEU B 12 -5.49 5.74 -3.63
N ALA B 13 -6.46 6.63 -3.83
CA ALA B 13 -7.13 7.29 -2.71
C ALA B 13 -7.88 6.28 -1.86
N TRP B 14 -8.68 5.41 -2.49
CA TRP B 14 -9.46 4.45 -1.73
C TRP B 14 -8.56 3.51 -0.94
N SER B 15 -7.46 3.06 -1.54
CA SER B 15 -6.54 2.16 -0.85
C SER B 15 -5.88 2.87 0.32
N TYR B 16 -5.47 4.13 0.12
CA TYR B 16 -4.85 4.89 1.19
C TYR B 16 -5.81 5.10 2.35
N TYR B 17 -7.12 5.19 2.06
CA TYR B 17 -8.08 5.33 3.16
C TYR B 17 -8.37 3.99 3.83
N ILE B 18 -8.78 2.99 3.04
CA ILE B 18 -9.25 1.73 3.57
C ILE B 18 -8.13 0.97 4.27
N GLY B 19 -6.92 1.04 3.73
CA GLY B 19 -5.83 0.24 4.22
C GLY B 19 -4.91 0.94 5.20
N TYR B 20 -4.89 2.27 5.21
CA TYR B 20 -4.04 2.98 6.16
C TYR B 20 -4.77 3.95 7.08
N LEU B 21 -5.50 4.93 6.54
CA LEU B 21 -6.03 5.99 7.40
C LEU B 21 -7.12 5.45 8.31
N ARG B 22 -8.10 4.74 7.74
N ARG B 22 -8.09 4.74 7.73
CA ARG B 22 -9.19 4.20 8.53
CA ARG B 22 -9.19 4.17 8.50
C ARG B 22 -8.69 3.39 9.72
C ARG B 22 -8.68 3.39 9.70
N LEU B 23 -7.48 2.84 9.61
CA LEU B 23 -6.94 1.99 10.66
C LEU B 23 -6.15 2.77 11.70
N ILE B 24 -5.44 3.83 11.30
CA ILE B 24 -4.56 4.54 12.23
C ILE B 24 -5.29 5.69 12.92
N LEU B 25 -6.18 6.38 12.22
CA LEU B 25 -6.77 7.59 12.78
C LEU B 25 -7.47 7.34 14.12
N PRO B 26 -8.23 6.26 14.31
CA PRO B 26 -8.90 6.09 15.62
C PRO B 26 -7.94 6.13 16.81
N GLU B 27 -6.78 5.49 16.72
CA GLU B 27 -5.82 5.50 17.82
C GLU B 27 -5.21 6.88 18.06
N LEU B 28 -5.31 7.79 17.08
CA LEU B 28 -4.43 8.95 17.06
C LEU B 28 -4.83 10.00 18.08
N GLN B 29 -6.12 10.33 18.18
CA GLN B 29 -6.55 11.30 19.18
C GLN B 29 -6.04 10.89 20.56
N ALA B 30 -6.11 9.59 20.86
CA ALA B 30 -5.67 9.10 22.16
C ALA B 30 -4.16 9.19 22.32
N ARG B 31 -3.41 8.68 21.33
CA ARG B 31 -1.96 8.76 21.40
C ARG B 31 -1.50 10.20 21.60
N ILE B 32 -2.13 11.14 20.90
CA ILE B 32 -1.73 12.54 20.98
C ILE B 32 -2.08 13.13 22.33
N ARG B 33 -3.28 12.85 22.85
CA ARG B 33 -3.64 13.35 24.18
C ARG B 33 -2.63 12.88 25.22
N THR B 34 -2.35 11.58 25.22
CA THR B 34 -1.38 11.05 26.16
C THR B 34 -0.06 11.80 26.06
N TYR B 35 0.49 11.89 24.85
CA TYR B 35 1.77 12.58 24.69
C TYR B 35 1.68 14.03 25.18
N ASN B 36 0.53 14.68 24.96
CA ASN B 36 0.41 16.09 25.30
C ASN B 36 0.48 16.31 26.80
N GLN B 37 0.01 15.35 27.59
CA GLN B 37 0.25 15.43 29.03
C GLN B 37 1.72 15.79 29.31
N HIS B 38 2.63 14.92 28.84
CA HIS B 38 4.05 15.14 29.03
C HIS B 38 4.50 16.46 28.40
N TYR B 39 4.29 16.61 27.08
CA TYR B 39 4.76 17.80 26.38
C TYR B 39 4.36 19.07 27.11
N ASN B 40 3.14 19.13 27.63
CA ASN B 40 2.69 20.28 28.38
C ASN B 40 3.52 20.46 29.65
N ASN B 41 3.54 19.43 30.50
CA ASN B 41 4.26 19.59 31.76
C ASN B 41 5.72 19.94 31.54
N LEU B 42 6.29 19.59 30.39
CA LEU B 42 7.73 19.80 30.16
C LEU B 42 7.99 21.13 29.47
N LEU B 43 7.54 21.27 28.23
CA LEU B 43 7.83 22.48 27.44
C LEU B 43 6.63 23.41 27.34
N ARG B 44 5.62 23.21 28.17
CA ARG B 44 4.40 24.02 28.14
C ARG B 44 3.86 24.16 26.71
N GLY B 45 4.12 23.15 25.88
CA GLY B 45 3.65 23.13 24.51
C GLY B 45 2.50 22.13 24.34
N ALA B 46 1.91 22.15 23.15
CA ALA B 46 0.78 21.29 22.86
C ALA B 46 0.80 20.89 21.39
N VAL B 47 0.53 19.63 21.13
CA VAL B 47 0.51 19.07 19.78
C VAL B 47 -0.93 19.05 19.28
N SER B 48 -1.16 19.56 18.07
CA SER B 48 -2.47 19.45 17.45
C SER B 48 -2.92 17.99 17.44
N GLN B 49 -4.23 17.79 17.52
CA GLN B 49 -4.80 16.45 17.65
C GLN B 49 -5.09 15.81 16.30
N ARG B 50 -4.90 16.51 15.20
CA ARG B 50 -5.25 16.02 13.88
C ARG B 50 -4.00 15.61 13.12
N LEU B 51 -4.13 14.53 12.34
CA LEU B 51 -3.05 14.14 11.46
C LEU B 51 -3.00 15.09 10.28
N TYR B 52 -1.84 15.71 10.06
CA TYR B 52 -1.63 16.58 8.92
C TYR B 52 -0.92 15.81 7.83
N ILE B 53 -1.55 15.76 6.66
CA ILE B 53 -1.12 14.94 5.53
C ILE B 53 -0.68 15.89 4.41
N LEU B 54 0.60 15.85 4.08
CA LEU B 54 1.14 16.70 3.03
C LEU B 54 0.86 16.09 1.67
N LEU B 55 0.35 16.93 0.77
CA LEU B 55 -0.02 16.51 -0.59
C LEU B 55 0.63 17.45 -1.59
N PRO B 56 1.95 17.40 -1.73
CA PRO B 56 2.61 18.20 -2.78
C PRO B 56 2.16 17.74 -4.16
N LEU B 57 1.57 18.68 -4.92
CA LEU B 57 1.07 18.34 -6.25
C LEU B 57 2.17 18.00 -7.23
N ASP B 58 3.43 18.28 -6.91
CA ASP B 58 4.53 17.84 -7.75
C ASP B 58 4.98 16.41 -7.41
N CYS B 59 4.32 15.77 -6.44
CA CYS B 59 4.59 14.38 -6.07
C CYS B 59 6.02 14.16 -5.62
N GLY B 60 6.67 15.22 -5.15
CA GLY B 60 7.99 15.10 -4.59
C GLY B 60 7.95 14.76 -3.12
N VAL B 61 8.28 13.52 -2.76
CA VAL B 61 8.24 13.09 -1.37
C VAL B 61 9.68 12.80 -0.95
N PRO B 62 10.29 13.62 -0.10
CA PRO B 62 11.63 13.33 0.41
C PRO B 62 11.59 12.27 1.51
N ASP B 63 12.78 11.82 1.88
CA ASP B 63 12.93 10.80 2.92
C ASP B 63 12.93 11.41 4.31
N ASN B 64 13.12 12.72 4.42
CA ASN B 64 12.99 13.41 5.70
C ASN B 64 12.43 14.80 5.45
N LEU B 65 11.50 15.21 6.31
CA LEU B 65 10.77 16.46 6.10
C LEU B 65 11.72 17.65 6.06
N SER B 66 12.77 17.64 6.90
CA SER B 66 13.62 18.80 7.03
C SER B 66 14.28 19.19 5.71
N MET B 67 14.54 18.21 4.84
CA MET B 67 15.15 18.51 3.56
C MET B 67 14.24 19.37 2.69
N ALA B 68 12.92 19.23 2.86
CA ALA B 68 11.99 20.08 2.12
C ALA B 68 11.85 21.46 2.75
N ASP B 69 12.13 21.59 4.04
CA ASP B 69 12.16 22.88 4.72
C ASP B 69 12.91 22.72 6.03
N PRO B 70 13.90 23.57 6.33
CA PRO B 70 14.62 23.44 7.60
C PRO B 70 13.85 23.94 8.81
N ASN B 71 12.83 24.77 8.60
CA ASN B 71 11.97 25.21 9.70
C ASN B 71 10.97 24.16 10.12
N ILE B 72 11.02 22.99 9.52
CA ILE B 72 10.27 21.82 9.96
C ILE B 72 11.29 20.89 10.60
N ARG B 73 11.19 20.73 11.92
CA ARG B 73 12.21 20.03 12.69
C ARG B 73 11.57 18.84 13.40
N PHE B 74 12.15 17.67 13.24
CA PHE B 74 11.66 16.52 13.98
C PHE B 74 11.77 16.80 15.47
N LEU B 75 10.73 16.43 16.22
CA LEU B 75 10.68 16.64 17.65
C LEU B 75 10.66 15.34 18.42
N ASP B 76 9.79 14.41 18.03
CA ASP B 76 9.62 13.19 18.81
C ASP B 76 8.82 12.19 17.99
N LYS B 77 9.03 10.91 18.28
CA LYS B 77 8.13 9.88 17.78
C LYS B 77 6.90 9.83 18.69
N LEU B 78 5.73 9.67 18.07
CA LEU B 78 4.49 9.51 18.82
C LEU B 78 4.40 8.09 19.35
N PRO B 79 4.23 7.89 20.65
CA PRO B 79 4.09 6.53 21.18
C PRO B 79 2.81 5.86 20.72
N GLN B 80 2.78 4.53 20.86
CA GLN B 80 1.60 3.75 20.55
C GLN B 80 0.71 3.61 21.78
N GLN B 81 -0.59 3.43 21.54
CA GLN B 81 -1.58 3.28 22.60
C GLN B 81 -1.24 2.08 23.48
N VAL B 92 1.83 -2.09 14.32
CA VAL B 92 2.55 -1.00 14.96
C VAL B 92 2.81 0.10 13.92
N TYR B 93 2.45 1.33 14.26
CA TYR B 93 2.50 2.45 13.33
C TYR B 93 3.47 3.50 13.83
N SER B 94 4.34 3.98 12.94
CA SER B 94 5.36 4.97 13.27
C SER B 94 4.91 6.34 12.80
N ASN B 95 4.83 7.28 13.74
CA ASN B 95 4.40 8.64 13.44
C ASN B 95 5.32 9.63 14.14
N SER B 96 5.61 10.73 13.46
CA SER B 96 6.62 11.68 13.90
C SER B 96 5.97 13.02 14.21
N ILE B 97 6.28 13.57 15.37
CA ILE B 97 5.88 14.92 15.73
C ILE B 97 6.95 15.86 15.22
N TYR B 98 6.53 16.99 14.64
CA TYR B 98 7.46 18.00 14.17
C TYR B 98 7.09 19.35 14.75
N GLU B 99 8.11 20.12 15.06
CA GLU B 99 7.95 21.52 15.44
C GLU B 99 8.20 22.39 14.22
N LEU B 100 7.33 23.37 14.05
CA LEU B 100 7.41 24.36 12.97
C LEU B 100 8.00 25.63 13.57
N LEU B 101 9.09 26.11 12.96
CA LEU B 101 9.89 27.20 13.47
C LEU B 101 9.63 28.49 12.69
N GLU B 102 9.70 29.61 13.41
CA GLU B 102 9.75 30.94 12.83
C GLU B 102 10.88 31.70 13.52
N ASN B 103 11.86 32.17 12.74
CA ASN B 103 13.01 32.88 13.30
C ASN B 103 13.59 32.09 14.48
N GLY B 104 13.85 30.81 14.25
CA GLY B 104 14.47 29.96 15.24
C GLY B 104 13.64 29.68 16.48
N GLN B 105 12.44 30.25 16.56
CA GLN B 105 11.54 30.05 17.70
C GLN B 105 10.43 29.07 17.31
N ARG B 106 10.11 28.16 18.22
CA ARG B 106 9.02 27.22 17.97
C ARG B 106 7.72 28.00 17.81
N ALA B 107 7.04 27.77 16.68
CA ALA B 107 5.72 28.35 16.44
C ALA B 107 4.60 27.33 16.42
N GLY B 108 4.91 26.06 16.21
CA GLY B 108 3.86 25.06 16.33
C GLY B 108 4.42 23.66 16.41
N THR B 109 3.51 22.71 16.64
CA THR B 109 3.89 21.30 16.64
C THR B 109 2.71 20.48 16.12
N CYS B 110 3.03 19.38 15.45
CA CYS B 110 1.98 18.52 14.92
C CYS B 110 2.56 17.22 14.41
N VAL B 111 1.70 16.21 14.34
CA VAL B 111 2.05 14.97 13.67
C VAL B 111 1.90 15.19 12.17
N LEU B 112 2.96 14.91 11.43
CA LEU B 112 3.07 15.33 10.04
C LEU B 112 3.55 14.17 9.20
N GLU B 113 2.92 13.96 8.05
CA GLU B 113 3.53 13.01 7.13
C GLU B 113 2.97 13.19 5.73
N TYR B 114 3.78 12.79 4.75
CA TYR B 114 3.39 12.87 3.35
C TYR B 114 2.40 11.76 3.01
N ALA B 115 1.58 12.00 1.99
CA ALA B 115 0.74 10.96 1.42
C ALA B 115 1.60 10.08 0.51
N THR B 116 1.92 8.88 0.97
CA THR B 116 2.79 8.02 0.20
C THR B 116 2.29 7.71 -1.21
N PRO B 117 0.99 7.60 -1.48
CA PRO B 117 0.56 7.27 -2.85
C PRO B 117 1.12 8.20 -3.89
N LEU B 118 1.45 9.44 -3.53
CA LEU B 118 1.99 10.37 -4.51
C LEU B 118 3.32 9.86 -5.06
N GLN B 119 4.14 9.23 -4.21
CA GLN B 119 5.35 8.56 -4.69
C GLN B 119 5.01 7.65 -5.87
N THR B 120 3.97 6.83 -5.72
CA THR B 120 3.58 5.96 -6.82
C THR B 120 3.40 6.78 -8.09
N LEU B 121 2.61 7.86 -8.01
CA LEU B 121 2.41 8.71 -9.17
C LEU B 121 3.76 9.14 -9.74
N PHE B 122 4.62 9.65 -8.88
CA PHE B 122 5.94 10.08 -9.34
C PHE B 122 6.62 8.95 -10.09
N ALA B 123 6.63 7.75 -9.50
CA ALA B 123 7.32 6.64 -10.14
C ALA B 123 6.68 6.31 -11.49
N MET B 124 5.35 6.38 -11.57
CA MET B 124 4.71 6.09 -12.84
C MET B 124 5.19 7.06 -13.91
N SER B 125 5.44 8.31 -13.53
CA SER B 125 5.87 9.30 -14.52
C SER B 125 7.30 9.04 -14.98
N GLN B 126 8.09 8.29 -14.20
CA GLN B 126 9.44 7.92 -14.60
C GLN B 126 9.52 6.51 -15.17
N TYR B 127 8.39 5.86 -15.39
CA TYR B 127 8.33 4.49 -15.89
C TYR B 127 7.71 4.55 -17.28
N SER B 128 8.57 4.46 -18.31
CA SER B 128 8.15 4.82 -19.66
C SER B 128 7.07 3.88 -20.20
N GLN B 129 7.09 2.60 -19.80
CA GLN B 129 6.06 1.68 -20.26
C GLN B 129 4.66 2.12 -19.84
N ALA B 130 4.56 3.04 -18.87
CA ALA B 130 3.27 3.48 -18.37
C ALA B 130 2.61 4.52 -19.27
N GLY B 131 3.37 5.19 -20.12
CA GLY B 131 2.80 6.26 -20.93
C GLY B 131 2.18 7.34 -20.08
N PHE B 132 2.80 7.67 -18.96
CA PHE B 132 2.23 8.53 -17.93
C PHE B 132 3.12 9.76 -17.81
N SER B 133 2.63 10.88 -18.33
CA SER B 133 3.41 12.10 -18.44
C SER B 133 3.39 12.88 -17.12
N ARG B 134 4.16 13.97 -17.09
CA ARG B 134 4.07 14.91 -15.98
C ARG B 134 2.73 15.60 -15.94
N GLU B 135 2.20 15.98 -17.11
CA GLU B 135 0.84 16.47 -17.17
C GLU B 135 -0.12 15.49 -16.50
N ASP B 136 -0.05 14.22 -16.92
CA ASP B 136 -0.87 13.18 -16.30
C ASP B 136 -0.63 13.11 -14.81
N ARG B 137 0.64 13.22 -14.38
CA ARG B 137 0.94 13.08 -12.96
C ARG B 137 0.26 14.17 -12.15
N LEU B 138 0.34 15.42 -12.62
CA LEU B 138 -0.29 16.51 -11.90
C LEU B 138 -1.81 16.34 -11.86
N GLU B 139 -2.40 16.02 -13.02
CA GLU B 139 -3.84 15.80 -13.07
C GLU B 139 -4.27 14.76 -12.04
N GLN B 140 -3.56 13.62 -12.00
CA GLN B 140 -3.93 12.56 -11.08
C GLN B 140 -3.64 12.93 -9.64
N ALA B 141 -2.63 13.78 -9.38
CA ALA B 141 -2.40 14.24 -8.02
C ALA B 141 -3.55 15.11 -7.52
N LYS B 142 -4.03 16.02 -8.38
CA LYS B 142 -5.20 16.82 -8.02
C LYS B 142 -6.42 15.93 -7.80
N LEU B 143 -6.61 14.94 -8.68
CA LEU B 143 -7.75 14.04 -8.54
C LEU B 143 -7.63 13.22 -7.26
N PHE B 144 -6.42 12.81 -6.90
CA PHE B 144 -6.20 12.11 -5.64
C PHE B 144 -6.64 12.98 -4.47
N CYS B 145 -6.20 14.23 -4.46
N CYS B 145 -6.20 14.23 -4.45
CA CYS B 145 -6.60 15.13 -3.38
CA CYS B 145 -6.60 15.15 -3.39
C CYS B 145 -8.12 15.25 -3.31
C CYS B 145 -8.12 15.27 -3.31
N ARG B 146 -8.77 15.47 -4.45
CA ARG B 146 -10.22 15.63 -4.47
C ARG B 146 -10.92 14.37 -3.97
N THR B 147 -10.51 13.21 -4.48
CA THR B 147 -11.17 11.96 -4.10
C THR B 147 -11.00 11.68 -2.61
N LEU B 148 -9.81 11.94 -2.08
CA LEU B 148 -9.58 11.70 -0.66
C LEU B 148 -10.39 12.66 0.20
N GLU B 149 -10.51 13.92 -0.25
CA GLU B 149 -11.41 14.84 0.44
C GLU B 149 -12.84 14.28 0.46
N ASP B 150 -13.32 13.84 -0.71
CA ASP B 150 -14.67 13.28 -0.78
C ASP B 150 -14.84 12.11 0.19
N ILE B 151 -13.87 11.19 0.20
CA ILE B 151 -13.97 10.02 1.07
C ILE B 151 -14.04 10.46 2.53
N LEU B 152 -13.10 11.29 2.96
CA LEU B 152 -13.08 11.69 4.36
C LEU B 152 -14.33 12.47 4.74
N ALA B 153 -14.97 13.14 3.77
CA ALA B 153 -16.16 13.92 4.10
C ALA B 153 -17.30 13.03 4.57
N ASP B 154 -17.49 11.90 3.91
CA ASP B 154 -18.53 10.94 4.29
C ASP B 154 -18.09 10.01 5.41
N ALA B 155 -16.86 10.21 6.00
CA ALA B 155 -16.32 9.23 6.93
C ALA B 155 -16.55 9.63 8.38
N PRO B 156 -16.68 8.62 9.25
CA PRO B 156 -17.19 8.84 10.61
C PRO B 156 -16.17 9.30 11.65
N GLU B 157 -15.98 10.61 11.82
CA GLU B 157 -15.08 11.14 12.82
C GLU B 157 -13.65 10.99 12.32
N SER B 158 -13.42 10.30 11.21
CA SER B 158 -12.12 10.26 10.57
C SER B 158 -11.79 11.61 9.95
N GLN B 159 -12.75 12.24 9.28
CA GLN B 159 -12.51 13.57 8.73
C GLN B 159 -12.06 14.54 9.82
N ASN B 160 -12.63 14.42 11.01
CA ASN B 160 -12.28 15.33 12.11
C ASN B 160 -10.89 15.02 12.68
N ASN B 161 -10.33 13.86 12.39
CA ASN B 161 -9.05 13.47 12.96
C ASN B 161 -7.85 13.88 12.12
N CYS B 162 -8.04 14.31 10.87
CA CYS B 162 -6.91 14.68 10.02
C CYS B 162 -7.27 15.86 9.14
N ARG B 163 -6.24 16.45 8.53
CA ARG B 163 -6.37 17.63 7.68
C ARG B 163 -5.45 17.50 6.47
N LEU B 164 -5.98 17.78 5.29
CA LEU B 164 -5.22 17.63 4.05
C LEU B 164 -4.57 18.96 3.67
N ILE B 165 -3.25 18.94 3.51
CA ILE B 165 -2.49 20.13 3.13
C ILE B 165 -1.97 19.93 1.72
N ALA B 166 -2.74 20.39 0.73
CA ALA B 166 -2.36 20.28 -0.67
C ALA B 166 -1.78 21.59 -1.14
N TYR B 167 -0.68 21.51 -1.90
CA TYR B 167 -0.03 22.73 -2.35
C TYR B 167 0.76 22.48 -3.63
N GLN B 168 0.78 23.50 -4.48
CA GLN B 168 1.61 23.53 -5.68
C GLN B 168 2.73 24.52 -5.45
N GLU B 169 3.97 24.08 -5.62
CA GLU B 169 5.12 24.94 -5.40
C GLU B 169 5.37 25.80 -6.65
N PRO B 170 6.14 26.89 -6.50
CA PRO B 170 6.18 27.89 -7.57
C PRO B 170 6.74 27.34 -8.88
N ALA B 171 6.42 28.03 -9.96
CA ALA B 171 7.02 27.75 -11.27
C ALA B 171 8.50 27.49 -11.08
N ASP B 172 9.19 28.46 -10.49
CA ASP B 172 10.44 28.23 -9.78
C ASP B 172 10.88 29.58 -9.21
N ASP B 173 11.83 29.52 -8.29
CA ASP B 173 12.39 30.71 -7.67
C ASP B 173 11.30 31.70 -7.27
N SER B 174 10.46 31.27 -6.33
CA SER B 174 9.54 32.18 -5.68
C SER B 174 9.44 31.78 -4.21
N SER B 175 8.73 32.61 -3.45
CA SER B 175 8.68 32.46 -1.99
C SER B 175 7.70 31.37 -1.62
N PHE B 176 8.19 30.14 -1.54
CA PHE B 176 7.40 29.06 -0.95
C PHE B 176 8.08 28.52 0.30
N SER B 177 7.32 28.44 1.39
CA SER B 177 7.79 27.90 2.66
C SER B 177 6.75 26.88 3.13
N LEU B 178 7.13 25.61 3.17
CA LEU B 178 6.21 24.57 3.60
C LEU B 178 5.79 24.78 5.05
N SER B 179 6.74 25.20 5.89
CA SER B 179 6.42 25.40 7.30
C SER B 179 5.39 26.50 7.48
N GLN B 180 5.44 27.54 6.64
CA GLN B 180 4.44 28.60 6.70
C GLN B 180 3.06 28.10 6.30
N GLU B 181 2.99 27.23 5.30
CA GLU B 181 1.72 26.62 4.92
C GLU B 181 1.13 25.83 6.10
N VAL B 182 1.96 24.98 6.71
CA VAL B 182 1.50 24.17 7.82
C VAL B 182 1.05 25.05 8.98
N LEU B 183 1.79 26.14 9.24
CA LEU B 183 1.43 27.03 10.34
C LEU B 183 0.15 27.78 10.06
N ARG B 184 -0.08 28.17 8.81
CA ARG B 184 -1.36 28.75 8.43
C ARG B 184 -2.48 27.80 8.78
N HIS B 185 -2.34 26.51 8.42
CA HIS B 185 -3.40 25.55 8.74
C HIS B 185 -3.56 25.38 10.25
N LEU B 186 -2.46 25.26 10.99
CA LEU B 186 -2.55 25.07 12.43
C LEU B 186 -3.24 26.25 13.11
N ARG B 187 -2.91 27.47 12.67
CA ARG B 187 -3.49 28.67 13.25
C ARG B 187 -4.97 28.76 12.93
N GLN B 188 -5.35 28.37 11.71
CA GLN B 188 -6.76 28.32 11.35
C GLN B 188 -7.50 27.28 12.20
N GLU B 189 -6.86 26.14 12.45
CA GLU B 189 -7.48 25.10 13.26
C GLU B 189 -7.73 25.59 14.68
N GLU B 190 -6.74 26.30 15.26
CA GLU B 190 -6.94 26.82 16.61
C GLU B 190 -8.04 27.87 16.64
N LYS B 191 -8.05 28.78 15.66
CA LYS B 191 -9.13 29.74 15.55
C LYS B 191 -10.48 29.05 15.52
N GLU B 192 -10.59 27.98 14.73
CA GLU B 192 -11.84 27.23 14.64
C GLU B 192 -12.23 26.65 16.00
N GLU B 193 -11.28 26.04 16.70
CA GLU B 193 -11.63 25.41 17.96
C GLU B 193 -12.08 26.44 18.99
N VAL B 194 -11.42 27.61 19.05
CA VAL B 194 -11.80 28.54 20.11
C VAL B 194 -13.10 29.29 19.75
N THR B 195 -13.36 29.56 18.47
CA THR B 195 -14.53 30.36 18.15
C THR B 195 -15.82 29.55 18.18
N VAL B 196 -15.76 28.29 17.79
CA VAL B 196 -16.94 27.42 17.79
C VAL B 196 -16.67 26.20 18.67
CA CA C . -12.78 -18.13 -0.62
C10 GC0 D . 1.93 0.65 -1.13
C15 GC0 D . 4.24 -7.49 1.52
C17 GC0 D . 6.24 -8.57 2.67
C20 GC0 D . 5.89 -6.01 2.62
C21 GC0 D . 5.12 -4.84 2.23
C22 GC0 D . 3.97 -5.06 1.51
C24 GC0 D . 3.47 -2.70 1.38
C02 GC0 D . 1.39 -3.05 -1.21
C04 GC0 D . -0.94 -2.44 -2.28
C16 GC0 D . 5.44 -7.31 2.26
C05 GC0 D . -1.46 -1.34 -2.97
C06 GC0 D . -2.87 -1.21 -3.49
C32 GC0 D . 2.07 -1.82 7.67
C33 GC0 D . 3.38 1.10 8.47
C09 GC0 D . 1.90 -0.23 -2.38
C12 GC0 D . 2.07 -4.80 0.36
O19 GC0 D . 7.24 -8.48 3.30
C03 GC0 D . 0.36 -2.14 -2.00
C14 GC0 D . 3.50 -6.31 1.13
C25 GC0 D . 2.68 -2.45 2.67
C26 GC0 D . 2.31 -0.97 3.08
C27 GC0 D . 1.64 -0.89 4.54
C29 GC0 D . 2.22 0.96 6.30
C30 GC0 D . 2.94 0.33 7.36
C34 GC0 D . 3.14 2.49 8.51
C35 GC0 D . 3.60 3.41 9.71
C38 GC0 D . 2.45 3.08 7.48
C39 GC0 D . 1.99 2.30 6.36
C41 GC0 D . 1.14 1.60 4.48
C43 GC0 D . 0.17 2.86 2.42
C44 GC0 D . -0.68 2.77 1.19
C45 GC0 D . -0.51 3.33 -0.05
C46 GC0 D . -1.62 2.96 -0.83
C47 GC0 D . -1.89 3.32 -2.31
C50 GC0 D . -2.49 1.35 2.30
C51 GC0 D . -2.71 -0.14 1.87
C53 GC0 D . 4.98 -2.53 1.64
N07 GC0 D . -0.47 -0.41 -3.08
N08 GC0 D . 0.62 -0.92 -2.47
N11 GC0 D . 0.95 -4.06 -0.29
N13 GC0 D . 2.29 -6.14 0.40
N18 GC0 D . 5.75 -9.90 2.28
N23 GC0 D . 3.15 -4.12 1.05
N28 GC0 D . 1.66 0.51 5.11
N36 GC0 D . 3.44 4.90 9.60
N40 GC0 D . 1.30 2.68 5.24
N42 GC0 D . 0.39 1.61 3.19
N48 GC0 D . -2.45 2.21 -0.06
N49 GC0 D . -1.87 2.11 1.17
O01 GC0 D . 2.54 -2.90 -1.37
O31 GC0 D . 3.17 -1.05 7.32
O37 GC0 D . 4.08 2.94 10.69
O52 GC0 D . 0.63 3.89 2.77
O54 GC0 D . 5.51 -3.50 2.55
CA CA E . 8.51 19.86 -3.95
#